data_4LCI
#
_entry.id   4LCI
#
_cell.length_a   44.599
_cell.length_b   71.621
_cell.length_c   73.234
_cell.angle_alpha   90.00
_cell.angle_beta   90.00
_cell.angle_gamma   90.00
#
_symmetry.space_group_name_H-M   'P 21 21 21'
#
loop_
_entity.id
_entity.type
_entity.pdbx_description
1 polymer 'anti canine CD28 antibody, 1C6, light chain'
2 polymer 'anti canine CD28 antibody, 1C6, heavy chain'
3 non-polymer GLYCEROL
4 non-polymer 'SODIUM ION'
5 non-polymer 'FORMIC ACID'
6 water water
#
loop_
_entity_poly.entity_id
_entity_poly.type
_entity_poly.pdbx_seq_one_letter_code
_entity_poly.pdbx_strand_id
1 'polypeptide(L)'
;MDIVMTQAAPSVPVTPGESVSISCRSTKSLLHSNGNTYLYWFLQRPGQSPQRLIYYMSNLASGVPDRFSGRGSGTDFTLR
ISRVEAEDAGVYYCMQSLEYPYTFGGGTKLEIKRLVP
;
L
2 'polypeptide(L)'
;QIQLVQSGPELKKPGETVKISCKASGYTFTNYGMTWVKQAPRKGLKWMGWINTYTGRPTYADDFKGRFAFSLETSASTAY
LQINNLKHEDTATYFCASLGEDFWGQGTTLTVSSHHHHHH
;
H
#
# COMPACT_ATOMS: atom_id res chain seq x y z
N MET A 1 -20.23 1.42 6.56
CA MET A 1 -19.56 2.76 6.46
C MET A 1 -18.04 2.67 6.57
N ASP A 2 -17.31 3.41 5.75
CA ASP A 2 -15.85 3.19 5.68
C ASP A 2 -15.17 3.62 6.97
N ILE A 3 -14.20 2.81 7.43
CA ILE A 3 -13.32 3.27 8.47
C ILE A 3 -12.32 4.27 7.88
N VAL A 4 -12.31 5.48 8.41
CA VAL A 4 -11.35 6.50 7.94
C VAL A 4 -10.14 6.50 8.86
N MET A 5 -8.98 6.46 8.21
CA MET A 5 -7.70 6.46 8.88
C MET A 5 -7.05 7.82 8.63
N THR A 6 -6.60 8.44 9.70
CA THR A 6 -6.05 9.77 9.65
C THR A 6 -4.67 9.79 10.32
N GLN A 7 -3.68 10.39 9.66
CA GLN A 7 -2.39 10.64 10.28
C GLN A 7 -2.29 12.12 10.70
N ALA A 8 -1.72 12.37 11.88
CA ALA A 8 -1.74 13.69 12.54
C ALA A 8 -1.01 14.76 11.72
N ALA A 9 0.00 14.35 10.96
CA ALA A 9 0.75 15.30 10.19
C ALA A 9 1.28 14.72 8.91
N PRO A 10 1.45 15.55 7.88
CA PRO A 10 1.97 15.04 6.60
C PRO A 10 3.48 14.83 6.54
N SER A 11 4.21 15.38 7.50
CA SER A 11 5.65 15.17 7.58
C SER A 11 6.04 15.41 8.99
N VAL A 12 7.10 14.77 9.44
CA VAL A 12 7.67 15.09 10.73
C VAL A 12 9.20 15.19 10.65
N PRO A 13 9.81 16.15 11.38
CA PRO A 13 11.25 16.33 11.34
C PRO A 13 12.01 15.53 12.35
N VAL A 14 13.25 15.22 12.05
CA VAL A 14 14.12 14.46 12.94
C VAL A 14 15.55 14.71 12.48
N THR A 15 16.50 14.51 13.38
CA THR A 15 17.93 14.57 13.07
C THR A 15 18.52 13.17 13.27
N PRO A 16 19.61 12.89 12.58
CA PRO A 16 20.19 11.57 12.64
C PRO A 16 20.49 11.08 14.04
N GLY A 17 20.19 9.80 14.27
CA GLY A 17 20.46 9.15 15.55
C GLY A 17 19.43 9.42 16.65
N GLU A 18 18.53 10.40 16.45
CA GLU A 18 17.43 10.68 17.40
C GLU A 18 16.13 9.96 17.04
N SER A 19 15.16 10.02 17.95
CA SER A 19 13.95 9.18 17.85
C SER A 19 12.79 10.03 17.39
N VAL A 20 11.73 9.41 16.85
CA VAL A 20 10.61 10.17 16.34
C VAL A 20 9.35 9.32 16.48
N SER A 21 8.20 9.95 16.51
CA SER A 21 6.92 9.22 16.59
C SER A 21 6.01 9.68 15.48
N ILE A 22 5.21 8.75 14.98
CA ILE A 22 4.27 9.06 13.92
C ILE A 22 2.93 8.51 14.38
N SER A 23 1.90 9.33 14.23
CA SER A 23 0.60 8.96 14.81
CA SER A 23 0.58 9.04 14.81
C SER A 23 -0.44 8.66 13.74
N CYS A 24 -1.42 7.86 14.14
CA CYS A 24 -2.53 7.47 13.26
C CYS A 24 -3.81 7.29 14.16
N ARG A 25 -4.95 7.75 13.67
CA ARG A 25 -6.24 7.53 14.34
C ARG A 25 -7.25 6.88 13.36
N SER A 26 -8.08 5.99 13.88
CA SER A 26 -9.22 5.34 13.20
C SER A 26 -10.55 5.85 13.79
N THR A 27 -11.62 5.75 13.02
CA THR A 27 -12.87 6.25 13.45
C THR A 27 -13.61 5.20 14.22
N LYS A 28 -13.14 3.95 14.12
CA LYS A 28 -13.74 2.81 14.80
C LYS A 28 -12.61 2.06 15.43
N SER A 29 -12.87 1.41 16.55
CA SER A 29 -11.91 0.52 17.10
C SER A 29 -11.51 -0.60 16.14
N LEU A 30 -10.20 -0.90 16.09
CA LEU A 30 -9.64 -1.96 15.24
C LEU A 30 -9.37 -3.27 15.95
N LEU A 31 -9.76 -3.29 17.23
CA LEU A 31 -9.71 -4.49 18.00
C LEU A 31 -10.87 -5.38 17.63
N HIS A 32 -10.57 -6.60 17.27
CA HIS A 32 -11.56 -7.60 16.90
C HIS A 32 -11.86 -8.49 18.14
N SER A 33 -13.03 -9.15 18.17
CA SER A 33 -13.37 -10.07 19.24
CA SER A 33 -13.40 -10.08 19.22
C SER A 33 -12.36 -11.18 19.37
N ASN A 34 -11.68 -11.54 18.28
CA ASN A 34 -10.62 -12.53 18.35
C ASN A 34 -9.33 -12.04 19.06
N GLY A 35 -9.34 -10.80 19.56
CA GLY A 35 -8.23 -10.28 20.37
C GLY A 35 -7.11 -9.59 19.60
N ASN A 36 -7.06 -9.81 18.29
CA ASN A 36 -6.16 -9.06 17.40
C ASN A 36 -6.61 -7.65 17.07
N THR A 37 -5.65 -6.76 16.89
CA THR A 37 -5.93 -5.41 16.42
C THR A 37 -5.41 -5.21 14.97
N TYR A 38 -6.37 -4.93 14.08
CA TYR A 38 -6.11 -5.04 12.66
C TYR A 38 -5.57 -3.74 12.13
N LEU A 39 -4.32 -3.47 12.53
CA LEU A 39 -3.56 -2.27 12.09
C LEU A 39 -2.16 -2.62 11.62
N TYR A 40 -1.79 -2.12 10.41
CA TYR A 40 -0.46 -2.29 9.83
C TYR A 40 0.25 -0.95 9.78
N TRP A 41 1.57 -0.95 9.89
CA TRP A 41 2.41 0.19 9.43
C TRP A 41 3.28 -0.29 8.29
N PHE A 42 3.39 0.58 7.29
CA PHE A 42 4.26 0.42 6.13
C PHE A 42 5.22 1.60 5.99
N LEU A 43 6.35 1.36 5.36
CA LEU A 43 7.20 2.43 4.85
C LEU A 43 7.27 2.29 3.34
N GLN A 44 7.29 3.40 2.63
CA GLN A 44 7.58 3.40 1.22
C GLN A 44 8.64 4.47 0.96
N ARG A 45 9.80 4.03 0.50
CA ARG A 45 10.82 4.94 0.04
C ARG A 45 10.61 5.22 -1.43
N PRO A 46 11.05 6.39 -1.91
CA PRO A 46 10.89 6.63 -3.34
C PRO A 46 11.55 5.58 -4.21
N GLY A 47 10.86 5.14 -5.27
CA GLY A 47 11.39 4.14 -6.17
C GLY A 47 11.14 2.69 -5.75
N GLN A 48 10.68 2.49 -4.50
CA GLN A 48 10.46 1.16 -3.96
C GLN A 48 8.97 0.84 -3.81
N SER A 49 8.65 -0.44 -3.68
CA SER A 49 7.32 -0.82 -3.21
CA SER A 49 7.31 -0.81 -3.19
C SER A 49 7.20 -0.52 -1.69
N PRO A 50 5.99 -0.37 -1.19
CA PRO A 50 5.79 -0.29 0.25
C PRO A 50 6.27 -1.58 0.88
N GLN A 51 6.69 -1.49 2.13
CA GLN A 51 7.06 -2.64 2.87
C GLN A 51 6.52 -2.58 4.26
N ARG A 52 6.12 -3.73 4.77
CA ARG A 52 5.45 -3.75 6.03
C ARG A 52 6.48 -3.63 7.16
N LEU A 53 6.19 -2.81 8.14
CA LEU A 53 7.02 -2.69 9.31
C LEU A 53 6.40 -3.42 10.51
N ILE A 54 5.09 -3.27 10.67
CA ILE A 54 4.37 -3.75 11.87
C ILE A 54 3.02 -4.36 11.44
N TYR A 55 2.65 -5.46 12.05
CA TYR A 55 1.34 -6.05 11.83
C TYR A 55 0.68 -6.28 13.16
N TYR A 56 -0.66 -6.36 13.15
CA TYR A 56 -1.42 -6.55 14.35
C TYR A 56 -1.01 -5.50 15.37
N MET A 57 -0.82 -4.26 14.88
CA MET A 57 -0.62 -3.11 15.69
C MET A 57 0.77 -2.92 16.36
N SER A 58 1.41 -4.00 16.77
CA SER A 58 2.63 -3.89 17.56
C SER A 58 3.70 -4.93 17.24
N ASN A 59 3.40 -5.87 16.34
CA ASN A 59 4.28 -6.93 16.01
C ASN A 59 5.21 -6.57 14.85
N LEU A 60 6.52 -6.70 15.05
CA LEU A 60 7.47 -6.36 13.98
C LEU A 60 7.48 -7.42 12.92
N ALA A 61 7.47 -6.97 11.67
CA ALA A 61 7.59 -7.85 10.53
C ALA A 61 9.01 -8.42 10.55
N SER A 62 9.24 -9.52 9.83
CA SER A 62 10.57 -10.11 9.78
C SER A 62 11.54 -9.18 9.08
N GLY A 63 12.76 -9.18 9.56
CA GLY A 63 13.76 -8.32 8.96
C GLY A 63 13.74 -6.89 9.47
N VAL A 64 12.67 -6.50 10.16
CA VAL A 64 12.57 -5.13 10.70
C VAL A 64 13.32 -4.99 12.00
N PRO A 65 14.15 -3.93 12.12
CA PRO A 65 14.93 -3.90 13.35
C PRO A 65 14.18 -3.41 14.58
N ASP A 66 14.80 -3.73 15.71
CA ASP A 66 14.31 -3.49 17.08
C ASP A 66 14.06 -2.02 17.40
N ARG A 67 14.64 -1.08 16.66
CA ARG A 67 14.37 0.34 16.95
C ARG A 67 12.97 0.84 16.54
N PHE A 68 12.26 0.04 15.75
CA PHE A 68 10.88 0.35 15.44
C PHE A 68 10.01 -0.33 16.49
N SER A 69 8.95 0.33 16.91
CA SER A 69 7.95 -0.31 17.76
C SER A 69 6.64 0.37 17.48
N GLY A 70 5.54 -0.31 17.82
CA GLY A 70 4.21 0.29 17.74
C GLY A 70 3.44 0.11 19.02
N ARG A 71 2.58 1.09 19.32
CA ARG A 71 1.61 1.00 20.43
C ARG A 71 0.26 1.50 19.98
N GLY A 72 -0.73 1.23 20.82
CA GLY A 72 -2.02 1.93 20.72
C GLY A 72 -3.13 1.22 21.46
N SER A 73 -4.28 1.84 21.42
CA SER A 73 -5.51 1.23 21.92
C SER A 73 -6.65 1.72 21.05
N GLY A 74 -7.34 0.76 20.46
CA GLY A 74 -8.69 0.98 19.92
C GLY A 74 -8.70 1.79 18.66
N THR A 75 -8.60 3.10 18.84
CA THR A 75 -8.57 4.04 17.73
C THR A 75 -7.35 4.99 17.66
N ASP A 76 -6.36 4.87 18.55
CA ASP A 76 -5.15 5.73 18.52
C ASP A 76 -3.90 4.94 18.53
N PHE A 77 -3.06 5.19 17.51
CA PHE A 77 -1.91 4.37 17.27
C PHE A 77 -0.66 5.21 17.05
N THR A 78 0.47 4.72 17.55
CA THR A 78 1.73 5.42 17.42
C THR A 78 2.84 4.44 17.03
N LEU A 79 3.59 4.83 15.99
CA LEU A 79 4.78 4.15 15.62
C LEU A 79 5.94 5.01 16.12
N ARG A 80 6.94 4.37 16.69
CA ARG A 80 8.18 5.07 17.18
C ARG A 80 9.39 4.48 16.50
N ILE A 81 10.33 5.36 16.15
CA ILE A 81 11.62 4.93 15.67
C ILE A 81 12.65 5.55 16.60
N SER A 82 13.48 4.71 17.21
CA SER A 82 14.24 5.12 18.40
C SER A 82 15.59 5.78 18.12
N ARG A 83 16.24 5.40 17.02
CA ARG A 83 17.56 5.94 16.67
C ARG A 83 17.62 6.02 15.16
N VAL A 84 17.09 7.12 14.62
CA VAL A 84 16.81 7.27 13.18
C VAL A 84 18.10 7.25 12.34
N GLU A 85 18.05 6.50 11.26
CA GLU A 85 19.12 6.44 10.29
C GLU A 85 18.65 6.89 8.92
N ALA A 86 19.60 7.25 8.08
CA ALA A 86 19.29 7.79 6.78
C ALA A 86 18.26 6.95 6.02
N GLU A 87 18.46 5.63 6.05
CA GLU A 87 17.63 4.63 5.37
C GLU A 87 16.16 4.63 5.81
N ASP A 88 15.89 5.23 6.99
CA ASP A 88 14.52 5.38 7.51
C ASP A 88 13.74 6.49 6.83
N ALA A 89 14.39 7.35 6.06
CA ALA A 89 13.67 8.42 5.39
C ALA A 89 12.71 7.79 4.36
N GLY A 90 11.50 8.31 4.30
CA GLY A 90 10.44 7.76 3.45
C GLY A 90 9.09 8.17 3.98
N VAL A 91 8.02 7.67 3.39
CA VAL A 91 6.68 7.95 3.86
C VAL A 91 6.13 6.74 4.62
N TYR A 92 5.65 7.03 5.83
CA TYR A 92 5.10 6.00 6.70
C TYR A 92 3.57 6.07 6.64
N TYR A 93 2.91 4.91 6.50
CA TYR A 93 1.47 4.85 6.34
C TYR A 93 0.93 3.83 7.32
N CYS A 94 -0.11 4.18 8.05
CA CYS A 94 -0.95 3.16 8.70
C CYS A 94 -2.04 2.60 7.76
N MET A 95 -2.50 1.39 8.02
CA MET A 95 -3.63 0.82 7.25
C MET A 95 -4.44 -0.06 8.17
N GLN A 96 -5.76 0.00 8.04
CA GLN A 96 -6.65 -0.92 8.77
C GLN A 96 -7.15 -2.01 7.87
N SER A 97 -7.21 -3.21 8.40
CA SER A 97 -7.77 -4.33 7.69
C SER A 97 -8.92 -5.04 8.43
N LEU A 98 -9.50 -4.33 9.38
CA LEU A 98 -10.63 -4.83 10.16
C LEU A 98 -11.87 -5.09 9.28
N GLU A 99 -12.18 -4.13 8.41
CA GLU A 99 -13.39 -4.12 7.61
C GLU A 99 -13.11 -3.65 6.19
N TYR A 100 -13.82 -4.22 5.22
CA TYR A 100 -13.79 -3.68 3.87
C TYR A 100 -14.48 -2.35 3.75
N PRO A 101 -13.94 -1.43 2.91
CA PRO A 101 -12.67 -1.53 2.23
C PRO A 101 -11.57 -1.25 3.23
N TYR A 102 -10.46 -1.95 3.08
CA TYR A 102 -9.24 -1.56 3.77
C TYR A 102 -8.88 -0.15 3.43
N THR A 103 -8.36 0.57 4.43
CA THR A 103 -8.07 1.98 4.26
C THR A 103 -6.72 2.34 4.85
N PHE A 104 -6.00 3.20 4.10
CA PHE A 104 -4.71 3.79 4.52
C PHE A 104 -4.92 5.14 5.09
N GLY A 105 -4.05 5.51 6.03
CA GLY A 105 -3.88 6.90 6.35
C GLY A 105 -3.20 7.67 5.23
N GLY A 106 -3.15 8.97 5.36
CA GLY A 106 -2.64 9.83 4.30
C GLY A 106 -1.11 9.84 4.17
N GLY A 107 -0.41 9.25 5.14
CA GLY A 107 1.05 9.11 5.11
C GLY A 107 1.71 10.27 5.85
N THR A 108 2.89 9.99 6.39
CA THR A 108 3.69 10.98 7.07
C THR A 108 5.09 10.82 6.54
N LYS A 109 5.56 11.83 5.81
CA LYS A 109 6.98 11.89 5.39
C LYS A 109 7.98 12.16 6.52
N LEU A 110 8.92 11.22 6.74
CA LEU A 110 10.00 11.40 7.69
C LEU A 110 11.10 12.15 7.01
N GLU A 111 11.41 13.33 7.58
CA GLU A 111 12.31 14.31 6.98
C GLU A 111 13.47 14.55 7.86
N ILE A 112 14.65 14.19 7.38
CA ILE A 112 15.83 14.22 8.22
C ILE A 112 16.50 15.57 8.06
N LYS A 113 16.65 16.27 9.17
CA LYS A 113 17.00 17.70 9.03
C LYS A 113 18.51 17.80 9.06
N ARG A 114 19.05 18.64 8.15
CA ARG A 114 20.49 18.88 8.04
C ARG A 114 20.80 20.34 7.74
N LEU A 115 21.90 20.81 8.31
CA LEU A 115 22.33 22.17 8.03
C LEU A 115 22.85 22.34 6.59
N VAL A 116 22.56 23.51 5.99
CA VAL A 116 23.14 24.02 4.73
C VAL A 116 24.59 24.53 4.92
N PRO A 117 25.61 23.81 4.38
CA PRO A 117 26.99 24.36 4.48
C PRO A 117 27.17 25.80 3.96
N GLN B 1 13.44 -16.70 -3.11
CA GLN B 1 12.30 -17.59 -2.79
C GLN B 1 10.98 -17.11 -3.47
N ILE B 2 10.46 -15.94 -3.07
CA ILE B 2 9.14 -15.45 -3.55
C ILE B 2 9.23 -14.16 -4.36
N GLN B 3 8.56 -14.11 -5.49
CA GLN B 3 8.63 -12.91 -6.35
C GLN B 3 7.30 -12.61 -7.06
N LEU B 4 6.77 -11.41 -6.86
CA LEU B 4 5.68 -10.90 -7.68
C LEU B 4 6.29 -10.01 -8.73
N VAL B 5 6.05 -10.27 -10.00
CA VAL B 5 6.62 -9.43 -11.05
C VAL B 5 5.54 -8.84 -11.90
N GLN B 6 5.51 -7.52 -12.00
CA GLN B 6 4.48 -6.85 -12.80
C GLN B 6 4.96 -6.47 -14.17
N SER B 7 3.99 -6.23 -15.05
CA SER B 7 4.28 -5.81 -16.42
C SER B 7 4.81 -4.37 -16.42
N GLY B 8 5.40 -3.96 -17.53
CA GLY B 8 6.16 -2.70 -17.55
C GLY B 8 5.28 -1.47 -17.65
N PRO B 9 5.90 -0.29 -17.59
CA PRO B 9 5.20 0.98 -17.51
C PRO B 9 4.33 1.17 -18.71
N GLU B 10 3.25 1.95 -18.50
CA GLU B 10 2.29 2.23 -19.54
C GLU B 10 2.07 3.70 -19.65
N LEU B 11 1.92 4.13 -20.89
CA LEU B 11 1.74 5.55 -21.20
C LEU B 11 0.58 5.56 -22.17
N LYS B 12 -0.45 6.32 -21.82
CA LYS B 12 -1.73 6.17 -22.48
C LYS B 12 -2.38 7.50 -22.70
N LYS B 13 -3.24 7.48 -23.69
CA LYS B 13 -4.06 8.63 -23.99
C LYS B 13 -5.40 8.44 -23.25
N PRO B 14 -5.99 9.53 -22.78
CA PRO B 14 -7.32 9.49 -22.28
C PRO B 14 -8.27 8.62 -23.10
N GLY B 15 -9.10 7.82 -22.42
CA GLY B 15 -10.12 7.03 -23.08
C GLY B 15 -9.67 5.67 -23.53
N GLU B 16 -8.36 5.39 -23.43
CA GLU B 16 -7.87 4.09 -23.84
C GLU B 16 -8.09 3.13 -22.69
N THR B 17 -7.76 1.89 -22.92
CA THR B 17 -7.84 0.83 -21.94
C THR B 17 -6.42 0.29 -21.70
N VAL B 18 -6.09 -0.02 -20.44
CA VAL B 18 -4.86 -0.74 -20.13
C VAL B 18 -5.12 -2.01 -19.30
N LYS B 19 -4.29 -3.01 -19.48
CA LYS B 19 -4.35 -4.19 -18.66
C LYS B 19 -2.95 -4.54 -18.11
N ILE B 20 -2.84 -4.55 -16.79
CA ILE B 20 -1.57 -4.73 -16.10
C ILE B 20 -1.55 -6.14 -15.54
N SER B 21 -0.44 -6.83 -15.64
CA SER B 21 -0.31 -8.15 -15.01
C SER B 21 0.62 -8.17 -13.81
N CYS B 22 0.42 -9.20 -13.00
CA CYS B 22 1.13 -9.46 -11.83
C CYS B 22 1.29 -10.97 -11.76
N LYS B 23 2.50 -11.45 -12.02
CA LYS B 23 2.78 -12.87 -11.98
C LYS B 23 3.49 -13.23 -10.70
N ALA B 24 2.93 -14.22 -10.01
CA ALA B 24 3.39 -14.64 -8.69
C ALA B 24 4.26 -15.89 -8.81
N SER B 25 5.29 -15.97 -8.00
CA SER B 25 6.17 -17.14 -8.05
C SER B 25 6.74 -17.44 -6.71
N GLY B 26 7.00 -18.73 -6.49
CA GLY B 26 7.63 -19.26 -5.27
C GLY B 26 6.72 -19.64 -4.11
N TYR B 27 5.41 -19.61 -4.31
CA TYR B 27 4.45 -20.11 -3.35
C TYR B 27 3.27 -20.60 -4.12
N THR B 28 2.33 -21.26 -3.44
CA THR B 28 1.13 -21.77 -4.10
C THR B 28 0.13 -20.63 -4.31
N PHE B 29 -0.07 -20.24 -5.57
CA PHE B 29 -0.80 -19.03 -5.93
C PHE B 29 -2.19 -18.94 -5.31
N THR B 30 -2.90 -20.07 -5.24
CA THR B 30 -4.31 -20.07 -4.84
C THR B 30 -4.48 -20.07 -3.34
N ASN B 31 -3.39 -20.24 -2.61
CA ASN B 31 -3.43 -20.19 -1.14
C ASN B 31 -3.60 -18.81 -0.54
N TYR B 32 -3.32 -17.76 -1.32
CA TYR B 32 -3.29 -16.41 -0.79
C TYR B 32 -3.92 -15.43 -1.81
N GLY B 33 -4.67 -14.47 -1.31
CA GLY B 33 -5.29 -13.46 -2.17
C GLY B 33 -4.31 -12.52 -2.86
N MET B 34 -4.82 -11.71 -3.76
CA MET B 34 -4.06 -10.65 -4.32
C MET B 34 -4.80 -9.35 -4.21
N THR B 35 -4.09 -8.37 -3.66
CA THR B 35 -4.58 -7.03 -3.43
C THR B 35 -4.00 -6.09 -4.48
N TRP B 36 -4.75 -5.07 -4.80
CA TRP B 36 -4.30 -4.01 -5.71
C TRP B 36 -4.28 -2.69 -4.96
N VAL B 37 -3.15 -1.99 -5.11
CA VAL B 37 -2.95 -0.72 -4.45
C VAL B 37 -2.56 0.36 -5.46
N LYS B 38 -3.19 1.52 -5.33
CA LYS B 38 -2.90 2.66 -6.18
C LYS B 38 -2.09 3.67 -5.40
N GLN B 39 -0.89 3.97 -5.91
CA GLN B 39 -0.03 5.02 -5.35
C GLN B 39 -0.03 6.26 -6.26
N ALA B 40 -0.64 7.33 -5.76
CA ALA B 40 -0.70 8.61 -6.48
C ALA B 40 0.59 9.42 -6.43
N PRO B 41 0.62 10.52 -7.19
CA PRO B 41 1.23 11.78 -6.80
C PRO B 41 0.19 12.60 -5.99
N ARG B 42 0.54 12.99 -4.75
CA ARG B 42 -0.34 13.81 -3.87
C ARG B 42 -1.61 13.11 -3.30
N LYS B 43 -1.68 11.78 -3.39
CA LYS B 43 -2.78 11.00 -2.76
C LYS B 43 -2.30 9.63 -2.21
N GLY B 44 -1.02 9.56 -1.78
CA GLY B 44 -0.45 8.48 -0.94
C GLY B 44 -0.78 7.09 -1.48
N LEU B 45 -1.27 6.19 -0.62
CA LEU B 45 -1.65 4.85 -1.04
C LEU B 45 -3.16 4.64 -0.88
N LYS B 46 -3.78 4.05 -1.89
CA LYS B 46 -5.21 3.69 -1.87
C LYS B 46 -5.41 2.19 -2.12
N TRP B 47 -6.17 1.55 -1.25
CA TRP B 47 -6.56 0.18 -1.42
C TRP B 47 -7.74 0.10 -2.41
N MET B 48 -7.47 -0.55 -3.53
CA MET B 48 -8.42 -0.69 -4.64
C MET B 48 -9.37 -1.88 -4.47
N GLY B 49 -8.89 -2.88 -3.77
CA GLY B 49 -9.63 -4.12 -3.57
C GLY B 49 -8.73 -5.30 -3.58
N TRP B 50 -9.31 -6.51 -3.51
CA TRP B 50 -8.56 -7.71 -3.61
C TRP B 50 -9.39 -8.82 -4.31
N ILE B 51 -8.71 -9.84 -4.75
CA ILE B 51 -9.35 -10.99 -5.44
C ILE B 51 -8.88 -12.28 -4.78
N ASN B 52 -9.84 -13.19 -4.53
CA ASN B 52 -9.57 -14.48 -3.99
C ASN B 52 -9.09 -15.29 -5.15
N THR B 53 -7.83 -15.74 -5.07
CA THR B 53 -7.22 -16.43 -6.15
C THR B 53 -7.66 -17.89 -6.21
N TYR B 54 -8.32 -18.37 -5.16
CA TYR B 54 -8.85 -19.73 -5.14
C TYR B 54 -10.26 -19.77 -5.75
N THR B 55 -11.13 -18.86 -5.32
CA THR B 55 -12.50 -18.78 -5.83
C THR B 55 -12.70 -17.83 -7.02
N GLY B 56 -11.77 -16.94 -7.27
CA GLY B 56 -11.96 -15.89 -8.26
C GLY B 56 -12.84 -14.73 -7.87
N ARG B 57 -13.36 -14.71 -6.66
CA ARG B 57 -14.26 -13.67 -6.27
C ARG B 57 -13.48 -12.38 -5.88
N PRO B 58 -13.85 -11.22 -6.46
CA PRO B 58 -13.23 -9.92 -6.20
C PRO B 58 -14.04 -9.09 -5.21
N THR B 59 -13.35 -8.23 -4.47
CA THR B 59 -13.99 -7.33 -3.59
C THR B 59 -13.37 -6.00 -3.95
N TYR B 60 -14.20 -4.99 -4.25
CA TYR B 60 -13.72 -3.69 -4.71
C TYR B 60 -14.06 -2.64 -3.73
N ALA B 61 -13.16 -1.69 -3.49
CA ALA B 61 -13.51 -0.42 -2.84
C ALA B 61 -14.51 0.33 -3.75
N ASP B 62 -15.45 1.05 -3.13
CA ASP B 62 -16.50 1.77 -3.88
CA ASP B 62 -16.48 1.85 -3.84
C ASP B 62 -15.90 2.73 -4.92
N ASP B 63 -14.79 3.41 -4.59
CA ASP B 63 -14.24 4.37 -5.50
C ASP B 63 -13.73 3.75 -6.81
N PHE B 64 -13.47 2.43 -6.79
CA PHE B 64 -12.96 1.71 -7.96
C PHE B 64 -13.99 0.85 -8.67
N LYS B 65 -15.26 1.07 -8.39
CA LYS B 65 -16.29 0.31 -9.05
C LYS B 65 -16.67 1.07 -10.32
N GLY B 66 -16.66 0.38 -11.45
CA GLY B 66 -17.01 0.94 -12.76
C GLY B 66 -16.00 0.58 -13.83
N ARG B 67 -14.89 1.27 -13.82
CA ARG B 67 -13.88 1.16 -14.89
C ARG B 67 -12.76 0.17 -14.60
N PHE B 68 -12.78 -0.42 -13.42
CA PHE B 68 -11.68 -1.26 -12.96
C PHE B 68 -12.11 -2.72 -12.91
N ALA B 69 -11.28 -3.63 -13.41
CA ALA B 69 -11.60 -5.06 -13.31
C ALA B 69 -10.46 -5.93 -12.86
N PHE B 70 -10.69 -6.75 -11.83
CA PHE B 70 -9.71 -7.72 -11.39
C PHE B 70 -9.99 -9.08 -12.04
N SER B 71 -8.97 -9.75 -12.53
CA SER B 71 -9.13 -11.06 -13.11
C SER B 71 -7.92 -11.94 -12.87
N LEU B 72 -8.05 -13.19 -13.27
CA LEU B 72 -7.00 -14.16 -13.04
C LEU B 72 -6.79 -15.02 -14.25
N GLU B 73 -5.56 -15.49 -14.41
CA GLU B 73 -5.27 -16.72 -15.18
C GLU B 73 -4.53 -17.62 -14.22
N THR B 74 -5.29 -18.42 -13.46
CA THR B 74 -4.71 -19.12 -12.31
C THR B 74 -3.65 -20.14 -12.72
N SER B 75 -3.82 -20.81 -13.87
CA SER B 75 -2.78 -21.71 -14.41
C SER B 75 -1.44 -21.03 -14.69
N ALA B 76 -1.48 -19.71 -14.94
CA ALA B 76 -0.27 -18.92 -15.12
C ALA B 76 0.19 -18.20 -13.85
N SER B 77 -0.45 -18.45 -12.69
CA SER B 77 -0.18 -17.71 -11.42
C SER B 77 -0.14 -16.23 -11.65
N THR B 78 -1.11 -15.75 -12.42
CA THR B 78 -1.17 -14.35 -12.83
C THR B 78 -2.51 -13.71 -12.43
N ALA B 79 -2.42 -12.53 -11.83
CA ALA B 79 -3.52 -11.69 -11.58
C ALA B 79 -3.45 -10.46 -12.50
N TYR B 80 -4.57 -9.99 -12.98
CA TYR B 80 -4.60 -8.83 -13.87
C TYR B 80 -5.51 -7.74 -13.34
N LEU B 81 -5.12 -6.50 -13.64
CA LEU B 81 -5.89 -5.31 -13.38
C LEU B 81 -6.15 -4.58 -14.68
N GLN B 82 -7.41 -4.43 -15.07
CA GLN B 82 -7.79 -3.72 -16.29
C GLN B 82 -8.50 -2.45 -15.95
N ILE B 83 -8.08 -1.36 -16.59
CA ILE B 83 -8.63 -0.04 -16.33
C ILE B 83 -9.12 0.45 -17.68
N ASN B 84 -10.43 0.66 -17.74
CA ASN B 84 -11.11 1.10 -18.97
C ASN B 84 -11.30 2.59 -18.99
N ASN B 85 -11.33 3.12 -20.22
CA ASN B 85 -11.67 4.52 -20.44
C ASN B 85 -10.90 5.42 -19.51
N LEU B 86 -9.59 5.44 -19.73
CA LEU B 86 -8.63 6.14 -18.88
C LEU B 86 -8.90 7.63 -18.73
N LYS B 87 -8.73 8.08 -17.49
CA LYS B 87 -8.84 9.48 -17.07
C LYS B 87 -7.44 9.96 -16.61
N HIS B 88 -7.14 11.26 -16.72
CA HIS B 88 -5.89 11.80 -16.16
C HIS B 88 -5.65 11.36 -14.72
N GLU B 89 -6.71 11.32 -13.95
CA GLU B 89 -6.61 10.99 -12.50
C GLU B 89 -6.18 9.53 -12.21
N ASP B 90 -6.15 8.69 -13.25
CA ASP B 90 -5.70 7.33 -13.14
C ASP B 90 -4.15 7.25 -13.20
N THR B 91 -3.51 8.35 -13.59
CA THR B 91 -2.04 8.44 -13.46
C THR B 91 -1.52 8.06 -12.08
N ALA B 92 -0.73 6.99 -12.01
CA ALA B 92 -0.33 6.44 -10.73
C ALA B 92 0.64 5.31 -10.93
N THR B 93 1.23 4.81 -9.83
CA THR B 93 1.90 3.52 -9.86
C THR B 93 0.97 2.52 -9.13
N TYR B 94 0.65 1.44 -9.85
CA TYR B 94 -0.20 0.33 -9.36
C TYR B 94 0.63 -0.82 -8.92
N PHE B 95 0.39 -1.25 -7.69
CA PHE B 95 1.02 -2.39 -7.09
C PHE B 95 0.04 -3.53 -6.89
N CYS B 96 0.51 -4.74 -7.16
CA CYS B 96 -0.09 -5.94 -6.56
C CYS B 96 0.67 -6.36 -5.29
N ALA B 97 -0.08 -6.90 -4.34
CA ALA B 97 0.49 -7.42 -3.08
C ALA B 97 -0.24 -8.65 -2.60
N SER B 98 0.46 -9.56 -1.95
CA SER B 98 -0.25 -10.57 -1.18
C SER B 98 0.01 -10.10 0.25
N LEU B 99 -1.01 -9.34 0.69
CA LEU B 99 -0.87 -8.33 1.71
C LEU B 99 -0.63 -9.00 3.07
N GLY B 100 -1.27 -10.15 3.28
CA GLY B 100 -1.09 -10.87 4.50
C GLY B 100 0.29 -11.39 4.59
N GLU B 101 0.84 -11.85 3.47
CA GLU B 101 2.17 -12.42 3.45
C GLU B 101 3.23 -11.31 3.23
N ASP B 102 2.77 -10.07 3.02
CA ASP B 102 3.63 -8.94 2.59
C ASP B 102 4.52 -9.17 1.38
N PHE B 103 4.00 -9.86 0.36
CA PHE B 103 4.70 -10.03 -0.92
C PHE B 103 4.25 -8.80 -1.74
N TRP B 104 5.17 -8.11 -2.42
CA TRP B 104 4.79 -6.94 -3.24
C TRP B 104 5.39 -7.07 -4.60
N GLY B 105 4.64 -6.70 -5.62
CA GLY B 105 5.24 -6.55 -6.91
C GLY B 105 6.11 -5.30 -6.92
N GLN B 106 6.82 -5.08 -8.03
CA GLN B 106 7.63 -3.87 -8.14
C GLN B 106 6.88 -2.59 -8.50
N GLY B 107 5.60 -2.72 -8.84
CA GLY B 107 4.79 -1.56 -9.30
C GLY B 107 4.77 -1.43 -10.80
N THR B 108 3.65 -0.92 -11.32
CA THR B 108 3.52 -0.56 -12.72
C THR B 108 3.10 0.88 -12.81
N THR B 109 3.94 1.70 -13.37
CA THR B 109 3.62 3.12 -13.51
C THR B 109 2.79 3.31 -14.77
N LEU B 110 1.62 3.91 -14.59
CA LEU B 110 0.67 4.26 -15.63
C LEU B 110 0.63 5.75 -15.74
N THR B 111 0.89 6.27 -16.95
CA THR B 111 0.78 7.69 -17.22
C THR B 111 -0.28 7.91 -18.30
N VAL B 112 -1.30 8.70 -17.98
CA VAL B 112 -2.33 9.05 -18.94
C VAL B 112 -2.00 10.50 -19.29
N SER B 113 -1.76 10.71 -20.58
CA SER B 113 -1.22 11.98 -21.09
C SER B 113 -1.99 12.34 -22.36
N SER B 114 -2.49 13.55 -22.41
CA SER B 114 -3.21 14.07 -23.57
C SER B 114 -2.26 14.29 -24.74
N HIS B 115 -1.04 14.73 -24.46
CA HIS B 115 -0.11 15.14 -25.54
C HIS B 115 1.29 14.53 -25.55
N HIS B 116 1.57 13.59 -24.63
CA HIS B 116 2.86 12.89 -24.60
C HIS B 116 2.73 11.38 -24.61
N HIS B 117 1.56 10.90 -25.00
CA HIS B 117 1.31 9.49 -25.02
C HIS B 117 2.04 8.74 -26.09
N HIS B 118 2.61 9.46 -27.05
CA HIS B 118 3.35 8.85 -28.12
C HIS B 118 4.84 8.57 -27.85
N HIS B 119 5.35 8.93 -26.68
CA HIS B 119 6.75 8.68 -26.33
C HIS B 119 6.95 7.28 -25.70
N HIS B 120 6.81 6.25 -26.53
CA HIS B 120 6.60 4.85 -26.15
C HIS B 120 5.08 4.60 -26.29
#